data_7JVA
#
_entry.id   7JVA
#
loop_
_entity.id
_entity.type
_entity.pdbx_description
1 polymer 'S2A4 Fab heavy chain'
2 polymer 'S2A4 Fab light chain'
3 polymer 'Spike glycoprotein'
4 branched beta-D-mannopyranose-(1-4)-2-acetamido-2-deoxy-beta-D-glucopyranose-(1-4)-2-acetamido-2-deoxy-beta-D-glucopyranose
#
loop_
_entity_poly.entity_id
_entity_poly.type
_entity_poly.pdbx_seq_one_letter_code
_entity_poly.pdbx_strand_id
1 'polypeptide(L)'
;EVQLVESGGGLVQPGGSLRLSCAASGFTFSSYWMNWVRQAPGKGLEWVANIKQDGSEKYYVDSVKGRFTISRDNAKNSLF
LQMNSLRAEDTAVYYCARVWWLRGSFDYWGQGTLVTVSS
;
H
2 'polypeptide(L)'
;NFMLTQPHSVSESPGKTVTISCTGSSGSIASNYVQWYQQRPGSAPTTVIYEDNQRPSGVPDRFSGSIDSSSNSASLTISG
LKTEDEADYYCQSYDSSNHVVFGGGTKLTVL
;
L
3 'polypeptide(L)'
;MGILPSPGMPALLSLVSLLSVLLMGCVAETGTQCVNLTTRTQLPPAYTNSFTRGVYYPDKVFRSSVLHSTQDLFLPFFSN
VTWFHAIHVSGTNGTKRFDNPVLPFNDGVYFASTEKSNIIRGWIFGTTLDSKTQSLLIVNNATNVVIKVCEFQFCNDPFL
GVYYHKNNKSWMESEFRVYSSANNCTFEYVSQPFLMDLEGKQGNFKNLREFVFKNIDGYFKIYSKHTPINLVRDLPQGFS
ALEPLVDLPIGINITRFQTLLALHRSYLTPGDSSSGWTAGAAAYYVGYLQPRTFLLKYNENGTITDAVDCALDPLSETKC
TLKSFTVEKGIYQTSNFRVQPTESIVRFPNITNLCPFGEVFNATRFASVYAWNRKRISNCVADYSVLYNSASFSTFKCYG
VSPTKLNDLCFTNVYADSFVIRGDEVRQIAPGQTGKIADYNYKLPDDFTGCVIAWNSNNLDSKVGGNYNYLYRLFRKSNL
KPFERDISTEIYQAGSTPCNGVEGFNCYFPLQSYGFQPTNGVGYQPYRVVVLSFELLHAPATVCGPKKSTNLVKNKCVNF
NFNGLTGTGVLTESNKKFLPFQQFGRDIADTTDAVRDPQTLEILDITPCSFGGVSVITPGTNTSNQVAVLYQDVNCTEVP
VAIHADQLTPTWRVYSTGSNVFQTRAGCLIGAEHVNNSYECDIPIGAGICASYQTQTNSPSGAGSVASQSIIAYTMSLGA
ENSVAYSNNSIAIPTNFTISVTTEILPVSMTKTSVDCTMYICGDSTECSNLLLQYGSFCTQLNRALTGIAVEQDKNTQEV
FAQVKQIYKTPPIKDFGGFNFSQILPDPSKPSKRSFIEDLLFNKVTLADAGFIKQYGDCLGDIAARDLICAQKFNGLTVL
PPLLTDEMIAQYTSALLAGTITSGWTFGAGAALQIPFAMQMAYRFNGIGVTQNVLYENQKLIANQFNSAIGKIQDSLSST
ASALGKLQDVVNQNAQALNTLVKQLSSNFGAISSVLNDILSRLDPPEAEVQIDRLITGRLQSLQTYVTQQLIRAAEIRAS
ANLAATKMSECVLGQSKRVDFCGKGYHLMSFPQSAPHGVVFLHVTYVPAQEKNFTTAPAICHDGKAHFPREGVFVSNGTH
WFVTQRNFYEPQIITTDNTFVSGNCDVVIGIVNNTVYDPLQPELDSFKEELDKYFKNHTSPDVDLGDISGINASVVNIQK
EIDRLNEVAKNLNESLIDLQELGKYEQYIKGSGRENLYFQGGGGSGYIPEAPRDGQAYVRKDGEWVLLSTFLGHHHHHHH
H
;
A
#
# COMPACT_ATOMS: atom_id res chain seq x y z
N GLU A 1 13.52 19.36 -14.19
CA GLU A 1 12.39 20.22 -14.53
C GLU A 1 11.32 19.41 -15.28
N VAL A 2 10.14 19.28 -14.65
CA VAL A 2 9.00 18.54 -15.21
C VAL A 2 7.78 19.45 -15.15
N GLN A 3 6.92 19.35 -16.15
CA GLN A 3 5.73 20.17 -16.17
C GLN A 3 4.51 19.43 -16.69
N LEU A 4 3.38 19.69 -16.04
CA LEU A 4 2.11 19.13 -16.44
C LEU A 4 1.17 20.27 -16.76
N VAL A 5 0.69 20.32 -18.00
CA VAL A 5 -0.15 21.42 -18.45
C VAL A 5 -1.51 20.95 -18.89
N GLU A 6 -2.52 21.37 -18.15
CA GLU A 6 -3.87 20.92 -18.40
C GLU A 6 -4.63 21.87 -19.32
N SER A 7 -5.62 21.32 -20.02
CA SER A 7 -6.51 22.12 -20.84
C SER A 7 -7.80 21.38 -21.16
N GLY A 8 -8.78 22.10 -21.71
CA GLY A 8 -10.03 21.47 -22.14
C GLY A 8 -11.18 21.64 -21.14
N GLY A 9 -10.99 22.46 -20.12
CA GLY A 9 -12.03 22.68 -19.12
C GLY A 9 -12.94 23.81 -19.52
N GLY A 10 -13.59 24.40 -18.53
CA GLY A 10 -14.57 25.45 -18.79
C GLY A 10 -15.94 24.99 -18.32
N LEU A 11 -16.98 25.55 -18.90
CA LEU A 11 -18.31 25.16 -18.49
C LEU A 11 -18.81 24.06 -19.39
N VAL A 12 -19.63 23.19 -18.82
CA VAL A 12 -20.28 22.13 -19.54
C VAL A 12 -21.69 21.93 -19.00
N GLN A 13 -22.64 21.67 -19.89
CA GLN A 13 -24.00 21.50 -19.46
C GLN A 13 -24.19 20.14 -18.79
N PRO A 14 -25.12 20.01 -17.86
CA PRO A 14 -25.47 18.76 -17.22
C PRO A 14 -25.84 17.74 -18.26
N GLY A 15 -25.33 16.53 -18.11
CA GLY A 15 -25.65 15.45 -19.04
C GLY A 15 -24.79 15.46 -20.31
N GLY A 16 -23.90 16.45 -20.42
CA GLY A 16 -23.05 16.59 -21.60
C GLY A 16 -21.70 15.93 -21.41
N SER A 17 -20.69 16.49 -22.06
CA SER A 17 -19.36 15.90 -21.99
C SER A 17 -18.29 16.90 -22.37
N LEU A 18 -17.06 16.58 -22.01
CA LEU A 18 -15.89 17.35 -22.41
C LEU A 18 -14.65 16.51 -22.29
N ARG A 19 -13.68 16.73 -23.17
CA ARG A 19 -12.45 15.98 -23.09
C ARG A 19 -11.34 16.80 -22.47
N LEU A 20 -10.86 16.37 -21.33
CA LEU A 20 -9.79 17.09 -20.67
C LEU A 20 -8.51 16.48 -21.14
N SER A 21 -7.45 17.24 -21.13
CA SER A 21 -6.16 16.67 -21.47
C SER A 21 -5.10 17.31 -20.61
N CYS A 22 -3.92 16.67 -20.56
CA CYS A 22 -2.79 17.18 -19.78
C CYS A 22 -1.48 16.83 -20.48
N ALA A 23 -0.85 17.86 -21.04
CA ALA A 23 0.39 17.68 -21.78
C ALA A 23 1.52 17.57 -20.80
N ALA A 24 2.54 16.81 -21.14
CA ALA A 24 3.65 16.70 -20.22
C ALA A 24 4.98 16.91 -20.90
N SER A 25 5.93 17.42 -20.13
CA SER A 25 7.29 17.56 -20.60
C SER A 25 8.29 17.29 -19.49
N GLY A 26 9.51 16.94 -19.88
CA GLY A 26 10.59 16.75 -18.91
C GLY A 26 10.73 15.31 -18.43
N PHE A 27 9.81 14.45 -18.83
CA PHE A 27 9.88 13.05 -18.42
C PHE A 27 9.18 12.17 -19.44
N THR A 28 9.41 10.88 -19.36
CA THR A 28 8.75 9.98 -20.30
C THR A 28 7.57 9.29 -19.66
N PHE A 29 6.50 9.22 -20.42
CA PHE A 29 5.30 8.54 -19.99
C PHE A 29 5.50 7.07 -19.82
N SER A 30 6.44 6.49 -20.54
CA SER A 30 6.63 5.06 -20.44
C SER A 30 7.12 4.61 -19.08
N SER A 31 7.60 5.55 -18.26
CA SER A 31 8.10 5.22 -16.93
C SER A 31 7.12 5.52 -15.81
N TYR A 32 5.99 6.15 -16.11
CA TYR A 32 5.09 6.60 -15.05
C TYR A 32 3.64 6.25 -15.22
N TRP A 33 2.94 6.15 -14.10
CA TRP A 33 1.51 6.00 -14.09
C TRP A 33 0.93 7.40 -14.12
N MET A 34 -0.21 7.56 -14.76
CA MET A 34 -0.85 8.87 -14.69
C MET A 34 -2.19 8.77 -14.02
N ASN A 35 -2.48 9.77 -13.21
CA ASN A 35 -3.72 9.81 -12.45
C ASN A 35 -4.43 11.11 -12.60
N TRP A 36 -5.73 11.08 -12.39
CA TRP A 36 -6.51 12.29 -12.28
C TRP A 36 -7.08 12.36 -10.88
N VAL A 37 -6.92 13.52 -10.26
CA VAL A 37 -7.40 13.77 -8.93
C VAL A 37 -8.33 14.96 -8.95
N ARG A 38 -9.48 14.80 -8.36
CA ARG A 38 -10.51 15.81 -8.39
C ARG A 38 -10.62 16.56 -7.09
N GLN A 39 -10.80 17.87 -7.17
CA GLN A 39 -11.04 18.64 -5.98
C GLN A 39 -12.23 19.56 -6.09
N ALA A 40 -13.34 19.17 -5.46
CA ALA A 40 -14.53 19.98 -5.51
C ALA A 40 -14.23 21.27 -4.76
N PRO A 41 -14.86 22.39 -5.10
CA PRO A 41 -14.64 23.67 -4.46
C PRO A 41 -14.86 23.57 -2.96
N GLY A 42 -13.88 24.00 -2.19
CA GLY A 42 -14.00 24.03 -0.74
C GLY A 42 -13.80 22.68 -0.07
N LYS A 43 -13.49 21.66 -0.84
CA LYS A 43 -13.36 20.32 -0.28
C LYS A 43 -11.97 19.75 -0.48
N GLY A 44 -11.74 18.56 0.08
CA GLY A 44 -10.45 17.90 -0.03
C GLY A 44 -10.34 17.18 -1.35
N LEU A 45 -9.27 16.41 -1.50
CA LEU A 45 -8.98 15.72 -2.73
C LEU A 45 -9.64 14.37 -2.78
N GLU A 46 -9.99 13.92 -3.98
CA GLU A 46 -10.43 12.55 -4.16
C GLU A 46 -9.90 12.02 -5.48
N TRP A 47 -9.59 10.76 -5.51
CA TRP A 47 -9.05 10.16 -6.72
C TRP A 47 -10.15 9.79 -7.71
N VAL A 48 -9.91 10.02 -9.01
CA VAL A 48 -10.88 9.65 -10.02
C VAL A 48 -10.45 8.55 -10.96
N ALA A 49 -9.24 8.63 -11.51
CA ALA A 49 -8.85 7.64 -12.51
C ALA A 49 -7.35 7.41 -12.55
N ASN A 50 -6.97 6.24 -13.04
CA ASN A 50 -5.58 5.80 -13.16
C ASN A 50 -5.29 4.96 -14.40
N ILE A 51 -4.22 5.29 -15.10
CA ILE A 51 -3.80 4.50 -16.25
C ILE A 51 -2.33 4.10 -16.13
N LYS A 52 -2.00 2.85 -16.47
CA LYS A 52 -0.61 2.40 -16.33
C LYS A 52 0.25 2.80 -17.52
N GLN A 53 1.56 2.53 -17.39
CA GLN A 53 2.55 2.98 -18.36
C GLN A 53 2.28 2.60 -19.81
N ASP A 54 1.74 1.42 -20.03
CA ASP A 54 1.52 0.94 -21.38
C ASP A 54 0.12 1.25 -21.92
N GLY A 55 -0.74 1.78 -21.05
CA GLY A 55 -2.12 2.07 -21.42
C GLY A 55 -2.98 0.81 -21.46
N SER A 56 -2.39 -0.32 -21.07
CA SER A 56 -3.01 -1.63 -21.12
C SER A 56 -3.99 -1.90 -19.99
N GLU A 57 -3.96 -1.09 -18.95
CA GLU A 57 -4.82 -1.32 -17.80
C GLU A 57 -5.29 0.00 -17.23
N LYS A 58 -6.56 0.04 -16.89
CA LYS A 58 -7.17 1.26 -16.38
C LYS A 58 -7.97 0.98 -15.11
N TYR A 59 -7.95 1.95 -14.20
CA TYR A 59 -8.73 1.89 -12.99
C TYR A 59 -9.54 3.16 -12.82
N TYR A 60 -10.68 3.03 -12.19
CA TYR A 60 -11.51 4.19 -11.91
C TYR A 60 -12.10 4.11 -10.52
N VAL A 61 -12.46 5.25 -9.97
CA VAL A 61 -13.24 5.26 -8.76
C VAL A 61 -14.61 4.75 -9.14
N ASP A 62 -15.21 3.94 -8.29
CA ASP A 62 -16.49 3.32 -8.64
C ASP A 62 -17.56 4.34 -9.03
N SER A 63 -17.54 5.51 -8.43
CA SER A 63 -18.53 6.55 -8.68
C SER A 63 -18.53 7.11 -10.09
N VAL A 64 -17.52 6.80 -10.91
CA VAL A 64 -17.49 7.29 -12.29
C VAL A 64 -17.51 6.18 -13.32
N LYS A 65 -17.78 4.95 -12.90
CA LYS A 65 -17.74 3.86 -13.86
C LYS A 65 -18.82 4.05 -14.90
N GLY A 66 -18.43 3.92 -16.16
CA GLY A 66 -19.37 4.03 -17.27
C GLY A 66 -19.55 5.47 -17.73
N ARG A 67 -18.96 6.41 -17.01
CA ARG A 67 -19.09 7.80 -17.38
C ARG A 67 -17.73 8.38 -17.79
N PHE A 68 -16.68 7.91 -17.13
CA PHE A 68 -15.34 8.40 -17.42
C PHE A 68 -14.50 7.37 -18.16
N THR A 69 -13.72 7.85 -19.12
CA THR A 69 -12.75 7.02 -19.81
C THR A 69 -11.37 7.68 -19.79
N ILE A 70 -10.38 6.94 -19.33
CA ILE A 70 -9.03 7.49 -19.27
C ILE A 70 -8.21 6.86 -20.38
N SER A 71 -7.40 7.68 -21.03
CA SER A 71 -6.56 7.17 -22.10
C SER A 71 -5.28 7.95 -22.14
N ARG A 72 -4.25 7.39 -22.76
CA ARG A 72 -3.01 8.12 -22.83
C ARG A 72 -2.28 7.85 -24.13
N ASP A 73 -1.67 8.89 -24.69
CA ASP A 73 -0.86 8.73 -25.88
C ASP A 73 0.61 8.98 -25.56
N ASN A 74 1.38 7.89 -25.56
CA ASN A 74 2.77 7.94 -25.18
C ASN A 74 3.63 8.68 -26.20
N ALA A 75 3.13 8.78 -27.43
CA ALA A 75 3.90 9.41 -28.50
C ALA A 75 3.68 10.90 -28.49
N LYS A 76 2.50 11.32 -28.06
CA LYS A 76 2.15 12.73 -28.05
C LYS A 76 2.44 13.38 -26.71
N ASN A 77 2.91 12.60 -25.74
CA ASN A 77 3.13 13.10 -24.40
C ASN A 77 1.87 13.78 -23.88
N SER A 78 0.73 13.14 -24.09
CA SER A 78 -0.53 13.73 -23.67
C SER A 78 -1.50 12.74 -23.07
N LEU A 79 -1.96 13.07 -21.88
CA LEU A 79 -2.93 12.31 -21.13
C LEU A 79 -4.33 12.85 -21.42
N PHE A 80 -5.30 11.98 -21.58
CA PHE A 80 -6.66 12.43 -21.84
C PHE A 80 -7.65 11.85 -20.86
N LEU A 81 -8.70 12.60 -20.59
CA LEU A 81 -9.81 12.08 -19.82
C LEU A 81 -11.12 12.47 -20.46
N GLN A 82 -11.85 11.49 -20.95
CA GLN A 82 -13.12 11.75 -21.61
C GLN A 82 -14.23 11.51 -20.63
N MET A 83 -14.92 12.56 -20.25
CA MET A 83 -15.95 12.40 -19.24
C MET A 83 -17.31 12.81 -19.76
N ASN A 84 -18.25 11.87 -19.63
CA ASN A 84 -19.60 12.00 -20.15
C ASN A 84 -20.63 12.03 -19.03
N SER A 85 -21.80 12.57 -19.31
CA SER A 85 -22.90 12.54 -18.36
C SER A 85 -22.53 13.13 -17.02
N LEU A 86 -22.00 14.35 -17.06
CA LEU A 86 -21.61 15.05 -15.85
C LEU A 86 -22.82 15.52 -15.08
N ARG A 87 -22.66 15.58 -13.77
CA ARG A 87 -23.68 16.04 -12.86
C ARG A 87 -23.17 17.22 -12.06
N ALA A 88 -24.04 17.89 -11.31
CA ALA A 88 -23.62 19.03 -10.47
C ALA A 88 -22.53 18.58 -9.51
N GLU A 89 -22.60 17.33 -9.10
CA GLU A 89 -21.65 16.66 -8.21
C GLU A 89 -20.23 16.72 -8.75
N ASP A 90 -20.11 16.81 -10.06
CA ASP A 90 -18.84 16.72 -10.74
C ASP A 90 -18.10 18.06 -10.87
N THR A 91 -18.66 19.15 -10.34
CA THR A 91 -17.91 20.40 -10.42
C THR A 91 -16.66 20.31 -9.57
N ALA A 92 -15.52 20.58 -10.18
CA ALA A 92 -14.25 20.46 -9.48
C ALA A 92 -13.09 20.95 -10.32
N VAL A 93 -11.95 21.13 -9.69
CA VAL A 93 -10.75 21.30 -10.49
C VAL A 93 -10.11 19.93 -10.64
N TYR A 94 -9.64 19.63 -11.84
CA TYR A 94 -9.03 18.35 -12.10
C TYR A 94 -7.55 18.47 -12.30
N TYR A 95 -6.81 17.78 -11.47
CA TYR A 95 -5.37 17.81 -11.57
C TYR A 95 -4.96 16.53 -12.24
N CYS A 96 -3.92 16.56 -13.09
CA CYS A 96 -3.33 15.31 -13.55
C CYS A 96 -2.12 15.17 -12.65
N ALA A 97 -1.68 13.95 -12.42
CA ALA A 97 -0.54 13.79 -11.55
C ALA A 97 0.30 12.59 -11.93
N ARG A 98 1.59 12.73 -11.67
CA ARG A 98 2.55 11.70 -11.98
C ARG A 98 2.84 10.80 -10.79
N VAL A 99 2.76 9.50 -11.01
CA VAL A 99 3.05 8.51 -9.98
C VAL A 99 4.12 7.52 -10.45
N TRP A 100 5.22 7.40 -9.70
CA TRP A 100 6.30 6.51 -10.14
C TRP A 100 5.83 5.06 -10.12
N TRP A 101 5.17 4.66 -9.04
CA TRP A 101 4.62 3.32 -8.97
C TRP A 101 3.27 3.36 -8.30
N LEU A 102 2.42 2.39 -8.64
CA LEU A 102 1.02 2.38 -8.26
C LEU A 102 0.69 2.79 -6.83
N ARG A 103 1.41 2.25 -5.86
CA ARG A 103 1.04 2.46 -4.47
C ARG A 103 1.88 3.53 -3.81
N GLY A 104 2.66 4.22 -4.61
CA GLY A 104 3.58 5.24 -4.13
C GLY A 104 2.97 6.63 -4.15
N SER A 105 3.84 7.63 -4.12
CA SER A 105 3.42 9.00 -4.06
C SER A 105 3.13 9.61 -5.41
N PHE A 106 2.38 10.69 -5.37
CA PHE A 106 2.11 11.54 -6.51
C PHE A 106 3.13 12.66 -6.43
N ASP A 107 4.24 12.51 -7.15
CA ASP A 107 5.37 13.38 -6.87
C ASP A 107 5.38 14.65 -7.70
N TYR A 108 4.40 14.82 -8.56
CA TYR A 108 4.31 16.04 -9.32
C TYR A 108 2.89 16.25 -9.79
N TRP A 109 2.40 17.46 -9.59
CA TRP A 109 1.02 17.79 -9.91
C TRP A 109 0.95 18.95 -10.87
N GLY A 110 -0.08 18.97 -11.69
CA GLY A 110 -0.32 20.13 -12.53
C GLY A 110 -1.03 21.19 -11.69
N GLN A 111 -1.49 22.26 -12.32
CA GLN A 111 -2.12 23.36 -11.59
C GLN A 111 -3.62 23.13 -11.40
N GLY A 112 -4.22 22.37 -12.29
CA GLY A 112 -5.63 22.05 -12.20
C GLY A 112 -6.51 22.77 -13.20
N THR A 113 -7.38 22.00 -13.85
CA THR A 113 -8.34 22.52 -14.82
C THR A 113 -9.69 22.68 -14.18
N LEU A 114 -10.28 23.84 -14.31
CA LEU A 114 -11.59 24.01 -13.72
C LEU A 114 -12.69 23.54 -14.63
N VAL A 115 -13.51 22.63 -14.11
CA VAL A 115 -14.67 22.12 -14.81
C VAL A 115 -15.91 22.42 -14.01
N THR A 116 -16.86 23.16 -14.58
CA THR A 116 -18.07 23.46 -13.85
C THR A 116 -19.29 22.99 -14.58
N VAL A 117 -20.34 22.63 -13.84
CA VAL A 117 -21.60 22.14 -14.39
C VAL A 117 -22.71 23.10 -14.01
N ASN B 1 -16.45 0.17 2.85
CA ASN B 1 -15.30 0.65 2.10
C ASN B 1 -14.28 1.27 3.04
N PHE B 2 -12.98 1.08 2.72
CA PHE B 2 -11.87 1.63 3.48
C PHE B 2 -11.76 3.13 3.31
N MET B 3 -11.66 3.84 4.43
CA MET B 3 -11.54 5.27 4.34
C MET B 3 -10.71 5.86 5.45
N LEU B 4 -10.11 7.00 5.16
CA LEU B 4 -9.30 7.69 6.13
C LEU B 4 -10.04 8.89 6.68
N THR B 5 -9.84 9.18 7.95
CA THR B 5 -10.44 10.38 8.52
C THR B 5 -9.39 11.24 9.21
N GLN B 6 -9.64 12.53 9.25
CA GLN B 6 -8.70 13.49 9.83
C GLN B 6 -9.43 14.55 10.65
N PRO B 7 -8.77 15.19 11.61
CA PRO B 7 -9.28 16.32 12.36
C PRO B 7 -9.45 17.48 11.42
N HIS B 8 -10.56 18.19 11.54
CA HIS B 8 -10.82 19.30 10.66
C HIS B 8 -9.95 20.51 10.94
N SER B 9 -9.83 20.86 12.21
CA SER B 9 -9.16 22.10 12.59
C SER B 9 -8.04 21.90 13.58
N VAL B 10 -6.83 22.21 13.14
CA VAL B 10 -5.63 22.08 13.96
C VAL B 10 -4.84 23.37 13.90
N SER B 11 -4.40 23.87 15.05
CA SER B 11 -3.61 25.09 15.04
C SER B 11 -2.71 25.21 16.25
N GLU B 12 -1.62 25.94 16.09
CA GLU B 12 -0.73 26.23 17.21
C GLU B 12 0.12 27.48 16.93
N SER B 13 0.60 28.11 18.00
CA SER B 13 1.50 29.25 17.91
C SER B 13 2.84 28.86 17.29
N PRO B 14 3.50 29.78 16.59
CA PRO B 14 4.76 29.58 15.90
C PRO B 14 5.85 29.20 16.88
N GLY B 15 6.72 28.31 16.45
CA GLY B 15 7.83 27.83 17.25
C GLY B 15 7.47 26.57 18.03
N LYS B 16 6.20 26.24 18.10
CA LYS B 16 5.75 25.06 18.83
C LYS B 16 5.47 23.90 17.90
N THR B 17 5.02 22.77 18.44
CA THR B 17 4.82 21.62 17.59
C THR B 17 3.36 21.29 17.39
N VAL B 18 3.06 20.61 16.29
CA VAL B 18 1.73 20.14 15.93
C VAL B 18 1.70 18.70 15.48
N THR B 19 0.64 18.00 15.85
CA THR B 19 0.42 16.65 15.35
C THR B 19 -0.88 16.57 14.58
N ILE B 20 -0.79 16.09 13.35
CA ILE B 20 -1.98 15.90 12.52
C ILE B 20 -2.21 14.44 12.28
N SER B 21 -3.25 13.91 12.90
CA SER B 21 -3.52 12.49 12.81
C SER B 21 -4.32 12.13 11.56
N CYS B 22 -4.28 10.85 11.21
CA CYS B 22 -5.01 10.20 10.14
C CYS B 22 -5.34 8.78 10.58
N THR B 23 -6.62 8.49 10.72
CA THR B 23 -6.97 7.18 11.24
C THR B 23 -7.63 6.36 10.18
N GLY B 24 -7.45 5.05 10.25
CA GLY B 24 -8.07 4.18 9.28
C GLY B 24 -9.48 3.86 9.71
N SER B 25 -10.24 3.30 8.79
CA SER B 25 -11.59 2.87 9.06
C SER B 25 -11.91 1.68 8.17
N SER B 26 -12.42 0.62 8.78
CA SER B 26 -12.77 -0.64 8.10
C SER B 26 -11.68 -1.05 7.12
N GLY B 27 -10.46 -1.13 7.65
CA GLY B 27 -9.27 -1.56 6.94
C GLY B 27 -8.05 -1.12 7.74
N SER B 28 -6.89 -1.67 7.40
CA SER B 28 -5.67 -1.37 8.14
C SER B 28 -4.78 -0.36 7.43
N ILE B 29 -4.53 0.75 8.11
CA ILE B 29 -3.73 1.83 7.55
C ILE B 29 -2.29 1.41 7.36
N ALA B 30 -1.88 0.41 8.12
CA ALA B 30 -0.51 -0.07 8.14
C ALA B 30 -0.23 -1.14 7.06
N SER B 31 -1.22 -1.48 6.24
CA SER B 31 -0.99 -2.53 5.24
C SER B 31 -0.37 -1.99 3.94
N ASN B 32 -0.27 -0.68 3.84
CA ASN B 32 0.26 -0.02 2.67
C ASN B 32 1.01 1.22 3.11
N TYR B 33 1.55 1.95 2.16
CA TYR B 33 2.28 3.15 2.50
C TYR B 33 1.37 4.32 2.70
N VAL B 34 1.75 5.21 3.60
CA VAL B 34 1.00 6.43 3.82
C VAL B 34 1.78 7.65 3.36
N GLN B 35 1.14 8.45 2.53
CA GLN B 35 1.70 9.69 2.03
C GLN B 35 1.01 10.88 2.64
N TRP B 36 1.72 12.00 2.71
CA TRP B 36 1.10 13.24 3.15
C TRP B 36 1.37 14.36 2.18
N TYR B 37 0.35 15.15 1.92
CA TYR B 37 0.44 16.25 0.99
C TYR B 37 0.15 17.57 1.65
N GLN B 38 0.77 18.62 1.15
CA GLN B 38 0.55 19.97 1.64
C GLN B 38 0.03 20.87 0.54
N GLN B 39 -1.20 21.34 0.70
CA GLN B 39 -1.78 22.22 -0.30
C GLN B 39 -1.95 23.63 0.20
N ARG B 40 -1.14 24.53 -0.30
CA ARG B 40 -1.31 25.92 0.07
C ARG B 40 -2.48 26.43 -0.77
N PRO B 41 -3.36 27.25 -0.22
CA PRO B 41 -4.47 27.83 -0.93
C PRO B 41 -3.99 28.51 -2.19
N GLY B 42 -4.72 28.31 -3.28
CA GLY B 42 -4.37 28.92 -4.55
C GLY B 42 -3.56 28.02 -5.48
N SER B 43 -3.04 26.89 -5.00
CA SER B 43 -2.28 26.06 -5.91
C SER B 43 -2.45 24.56 -5.66
N ALA B 44 -1.64 23.78 -6.37
CA ALA B 44 -1.66 22.33 -6.33
C ALA B 44 -1.06 21.83 -5.03
N PRO B 45 -1.44 20.64 -4.56
CA PRO B 45 -0.86 19.93 -3.46
C PRO B 45 0.50 19.42 -3.84
N THR B 46 1.41 19.33 -2.88
CA THR B 46 2.71 18.73 -3.13
C THR B 46 3.02 17.71 -2.05
N THR B 47 3.95 16.81 -2.32
CA THR B 47 4.33 15.79 -1.34
C THR B 47 5.24 16.35 -0.27
N VAL B 48 4.92 16.04 0.98
CA VAL B 48 5.79 16.42 2.09
C VAL B 48 6.40 15.20 2.70
N ILE B 49 5.59 14.20 2.97
CA ILE B 49 6.06 12.94 3.53
C ILE B 49 5.59 11.81 2.65
N TYR B 50 6.44 10.83 2.44
CA TYR B 50 6.02 9.71 1.62
C TYR B 50 6.57 8.42 2.15
N GLU B 51 5.92 7.33 1.79
CA GLU B 51 6.36 6.03 2.24
C GLU B 51 6.54 6.03 3.74
N ASP B 52 5.51 6.49 4.42
CA ASP B 52 5.36 6.48 5.86
C ASP B 52 6.14 7.55 6.60
N ASN B 53 7.46 7.53 6.51
CA ASN B 53 8.23 8.42 7.37
C ASN B 53 9.40 9.17 6.73
N GLN B 54 9.46 9.26 5.42
CA GLN B 54 10.56 9.99 4.82
C GLN B 54 10.04 11.19 4.03
N ARG B 55 10.93 11.98 3.47
CA ARG B 55 10.51 13.17 2.73
C ARG B 55 11.38 13.40 1.51
N PRO B 56 10.82 13.95 0.43
CA PRO B 56 11.49 14.28 -0.80
C PRO B 56 12.39 15.47 -0.63
N SER B 57 13.37 15.60 -1.50
CA SER B 57 14.24 16.75 -1.44
C SER B 57 13.43 18.02 -1.59
N GLY B 58 13.80 19.03 -0.82
CA GLY B 58 13.12 20.31 -0.83
C GLY B 58 12.25 20.46 0.41
N VAL B 59 11.96 19.35 1.07
CA VAL B 59 11.17 19.39 2.29
C VAL B 59 12.11 19.49 3.48
N PRO B 60 11.93 20.47 4.36
CA PRO B 60 12.74 20.70 5.52
C PRO B 60 12.52 19.60 6.53
N ASP B 61 13.49 19.40 7.38
CA ASP B 61 13.50 18.30 8.33
C ASP B 61 12.60 18.51 9.53
N ARG B 62 11.86 19.59 9.55
CA ARG B 62 10.89 19.81 10.61
C ARG B 62 9.64 18.97 10.39
N PHE B 63 9.50 18.39 9.18
CA PHE B 63 8.36 17.53 8.88
C PHE B 63 8.74 16.07 9.00
N SER B 64 8.06 15.36 9.88
CA SER B 64 8.35 13.95 10.12
C SER B 64 7.06 13.22 10.41
N GLY B 65 7.12 11.90 10.53
CA GLY B 65 5.89 11.16 10.81
C GLY B 65 6.13 9.70 11.10
N SER B 66 5.04 8.99 11.37
CA SER B 66 5.09 7.57 11.69
C SER B 66 3.73 6.91 11.56
N ILE B 67 3.73 5.57 11.61
CA ILE B 67 2.49 4.82 11.64
C ILE B 67 2.39 3.98 12.90
N ASP B 68 1.31 4.15 13.65
CA ASP B 68 1.08 3.38 14.86
C ASP B 68 0.13 2.22 14.56
N SER B 69 0.69 1.03 14.35
CA SER B 69 -0.13 -0.10 13.96
C SER B 69 -1.18 -0.40 15.01
N SER B 70 -0.80 -0.27 16.28
CA SER B 70 -1.68 -0.64 17.39
C SER B 70 -2.91 0.25 17.51
N SER B 71 -2.88 1.44 16.90
CA SER B 71 -4.01 2.35 16.96
C SER B 71 -4.67 2.45 15.59
N ASN B 72 -4.17 1.68 14.64
CA ASN B 72 -4.63 1.74 13.27
C ASN B 72 -4.64 3.18 12.77
N SER B 73 -3.55 3.88 13.01
CA SER B 73 -3.48 5.28 12.64
C SER B 73 -2.08 5.69 12.26
N ALA B 74 -1.99 6.87 11.66
CA ALA B 74 -0.74 7.46 11.22
C ALA B 74 -0.78 8.94 11.49
N SER B 75 0.38 9.56 11.57
CA SER B 75 0.38 11.00 11.78
C SER B 75 1.65 11.65 11.27
N LEU B 76 1.56 12.95 11.01
CA LEU B 76 2.78 13.70 10.78
C LEU B 76 2.87 14.71 11.87
N THR B 77 4.08 15.11 12.17
CA THR B 77 4.25 16.16 13.12
C THR B 77 5.10 17.24 12.50
N ILE B 78 4.88 18.44 12.96
CA ILE B 78 5.70 19.55 12.51
C ILE B 78 6.31 20.18 13.73
N SER B 79 7.62 20.31 13.74
CA SER B 79 8.23 20.96 14.88
C SER B 79 8.64 22.36 14.49
N GLY B 80 8.69 23.28 15.45
CA GLY B 80 9.18 24.60 15.11
C GLY B 80 8.30 25.26 14.05
N LEU B 81 6.99 25.24 14.24
CA LEU B 81 6.11 25.76 13.20
C LEU B 81 6.58 27.10 12.71
N LYS B 82 6.65 27.23 11.41
CA LYS B 82 6.99 28.48 10.79
C LYS B 82 5.69 29.04 10.26
N THR B 83 5.58 30.36 10.11
CA THR B 83 4.35 30.95 9.61
C THR B 83 4.12 30.60 8.15
N GLU B 84 5.13 30.01 7.55
CA GLU B 84 5.08 29.54 6.19
C GLU B 84 4.20 28.28 6.07
N ASP B 85 4.09 27.52 7.15
CA ASP B 85 3.41 26.24 7.13
C ASP B 85 1.89 26.36 7.28
N GLU B 86 1.29 27.09 6.34
CA GLU B 86 -0.15 27.30 6.31
C GLU B 86 -0.74 26.56 5.15
N ALA B 87 -1.43 25.46 5.42
CA ALA B 87 -1.89 24.62 4.32
C ALA B 87 -2.92 23.60 4.76
N ASP B 88 -3.59 23.02 3.78
CA ASP B 88 -4.45 21.89 4.03
C ASP B 88 -3.63 20.63 3.85
N TYR B 89 -3.52 19.84 4.90
CA TYR B 89 -2.70 18.64 4.82
C TYR B 89 -3.57 17.44 4.57
N TYR B 90 -3.14 16.57 3.68
CA TYR B 90 -3.92 15.38 3.37
C TYR B 90 -3.09 14.14 3.57
N CYS B 91 -3.72 13.05 4.03
CA CYS B 91 -3.08 11.73 4.11
C CYS B 91 -3.62 10.89 2.96
N GLN B 92 -2.77 10.01 2.45
CA GLN B 92 -3.19 9.15 1.36
C GLN B 92 -2.63 7.75 1.46
N SER B 93 -3.43 6.77 1.09
CA SER B 93 -2.96 5.40 1.06
C SER B 93 -3.66 4.63 -0.05
N TYR B 94 -3.15 3.46 -0.36
CA TYR B 94 -3.72 2.64 -1.41
C TYR B 94 -4.44 1.43 -0.83
N ASP B 95 -5.54 1.04 -1.46
CA ASP B 95 -6.26 -0.17 -1.11
C ASP B 95 -6.75 -0.85 -2.39
N SER B 96 -6.99 -2.14 -2.31
CA SER B 96 -7.49 -2.88 -3.47
C SER B 96 -8.98 -2.68 -3.61
N SER B 97 -9.67 -2.53 -2.48
CA SER B 97 -11.12 -2.37 -2.48
C SER B 97 -11.50 -1.06 -3.15
N ASN B 98 -10.75 -0.03 -2.85
CA ASN B 98 -10.88 1.29 -3.43
C ASN B 98 -9.47 1.83 -3.61
N HIS B 99 -9.10 2.04 -4.86
CA HIS B 99 -7.71 2.25 -5.23
C HIS B 99 -6.98 3.32 -4.45
N VAL B 100 -7.25 4.59 -4.71
CA VAL B 100 -6.53 5.61 -3.98
C VAL B 100 -7.43 6.37 -3.06
N VAL B 101 -7.09 6.35 -1.79
CA VAL B 101 -7.89 7.01 -0.79
C VAL B 101 -7.19 8.19 -0.18
N PHE B 102 -7.80 9.35 -0.32
CA PHE B 102 -7.28 10.57 0.30
C PHE B 102 -8.10 10.85 1.53
N GLY B 103 -7.48 11.41 2.55
CA GLY B 103 -8.17 11.75 3.78
C GLY B 103 -8.99 13.01 3.60
N GLY B 104 -9.76 13.35 4.61
CA GLY B 104 -10.64 14.52 4.56
C GLY B 104 -9.88 15.82 4.40
N GLY B 105 -8.70 15.89 5.00
CA GLY B 105 -7.90 17.10 4.95
C GLY B 105 -7.97 17.89 6.23
N THR B 106 -6.82 18.26 6.75
CA THR B 106 -6.74 19.04 7.97
C THR B 106 -6.33 20.45 7.66
N LYS B 107 -7.11 21.40 8.14
CA LYS B 107 -6.76 22.79 7.93
C LYS B 107 -5.82 23.23 9.03
N LEU B 108 -4.56 23.50 8.67
CA LEU B 108 -3.59 23.88 9.67
C LEU B 108 -3.22 25.34 9.58
N THR B 109 -3.32 26.02 10.71
CA THR B 109 -2.90 27.41 10.81
C THR B 109 -1.83 27.50 11.89
N VAL B 110 -1.09 28.62 11.90
CA VAL B 110 0.04 28.83 12.81
C VAL B 110 -0.26 29.99 13.74
N THR C 352 17.88 -13.23 -21.36
CA THR C 352 17.88 -12.82 -19.96
C THR C 352 17.27 -13.94 -19.10
N ASN C 353 17.99 -14.33 -18.05
CA ASN C 353 17.52 -15.32 -17.07
C ASN C 353 16.75 -14.62 -15.98
N LEU C 354 15.43 -14.65 -16.05
CA LEU C 354 14.63 -13.93 -15.09
C LEU C 354 14.34 -14.80 -13.87
N CYS C 355 14.28 -14.16 -12.68
CA CYS C 355 13.94 -14.78 -11.41
C CYS C 355 12.50 -15.24 -11.42
N PRO C 356 12.21 -16.46 -10.93
CA PRO C 356 10.92 -17.12 -10.95
C PRO C 356 9.95 -16.57 -9.92
N PHE C 357 9.63 -15.29 -10.02
CA PHE C 357 8.64 -14.72 -9.13
C PHE C 357 7.29 -15.25 -9.53
N GLY C 358 7.14 -15.55 -10.82
CA GLY C 358 5.90 -16.11 -11.30
C GLY C 358 5.60 -17.39 -10.56
N GLU C 359 6.56 -18.31 -10.51
CA GLU C 359 6.33 -19.58 -9.86
C GLU C 359 5.98 -19.42 -8.38
N VAL C 360 6.62 -18.47 -7.70
CA VAL C 360 6.36 -18.25 -6.28
C VAL C 360 4.94 -17.75 -6.03
N PHE C 361 4.52 -16.76 -6.79
CA PHE C 361 3.21 -16.15 -6.62
C PHE C 361 2.03 -16.92 -7.23
N ASN C 362 2.28 -17.70 -8.29
CA ASN C 362 1.26 -18.49 -9.00
C ASN C 362 1.23 -19.96 -8.55
N ALA C 363 1.85 -20.28 -7.39
CA ALA C 363 1.88 -21.65 -6.85
C ALA C 363 0.47 -22.15 -6.57
N THR C 364 0.22 -23.41 -6.88
CA THR C 364 -1.12 -23.95 -6.68
C THR C 364 -1.45 -24.14 -5.21
N ARG C 365 -0.43 -24.48 -4.43
CA ARG C 365 -0.63 -24.70 -3.02
C ARG C 365 0.40 -23.96 -2.18
N PHE C 366 -0.08 -23.28 -1.16
CA PHE C 366 0.77 -22.60 -0.21
C PHE C 366 0.86 -23.39 1.06
N ALA C 367 1.98 -23.28 1.74
CA ALA C 367 2.15 -23.94 3.01
C ALA C 367 1.32 -23.31 4.09
N SER C 368 1.03 -24.10 5.10
CA SER C 368 0.41 -23.61 6.31
C SER C 368 1.41 -22.72 7.01
N VAL C 369 0.95 -21.75 7.76
CA VAL C 369 1.88 -20.83 8.39
C VAL C 369 2.78 -21.51 9.41
N TYR C 370 2.30 -22.56 10.06
CA TYR C 370 3.15 -23.23 11.05
C TYR C 370 4.35 -23.89 10.40
N ALA C 371 4.26 -24.16 9.11
CA ALA C 371 5.31 -24.84 8.37
C ALA C 371 5.56 -24.09 7.08
N TRP C 372 5.84 -22.82 7.20
CA TRP C 372 5.98 -21.93 6.05
C TRP C 372 7.11 -22.40 5.14
N ASN C 373 6.96 -22.19 3.84
CA ASN C 373 7.97 -22.61 2.89
C ASN C 373 9.00 -21.54 2.66
N ARG C 374 10.19 -21.97 2.24
CA ARG C 374 11.24 -21.05 1.83
C ARG C 374 11.89 -21.47 0.54
N LYS C 375 12.02 -20.53 -0.38
CA LYS C 375 12.70 -20.78 -1.63
C LYS C 375 13.76 -19.72 -1.88
N ARG C 376 14.93 -20.15 -2.30
CA ARG C 376 16.01 -19.21 -2.61
C ARG C 376 16.03 -18.79 -4.05
N ILE C 377 16.11 -17.49 -4.24
CA ILE C 377 16.25 -16.89 -5.54
C ILE C 377 17.67 -16.37 -5.69
N SER C 378 18.37 -16.86 -6.70
CA SER C 378 19.77 -16.51 -6.92
C SER C 378 20.17 -16.64 -8.40
N ASN C 379 21.27 -16.00 -8.77
CA ASN C 379 21.83 -16.12 -10.11
C ASN C 379 20.83 -15.87 -11.23
N CYS C 380 20.03 -14.80 -11.09
CA CYS C 380 18.98 -14.41 -12.02
C CYS C 380 18.75 -12.91 -11.95
N VAL C 381 18.02 -12.40 -12.92
CA VAL C 381 17.64 -11.00 -12.94
C VAL C 381 16.28 -10.83 -12.32
N ALA C 382 16.24 -10.04 -11.27
CA ALA C 382 15.02 -9.89 -10.52
C ALA C 382 14.22 -8.72 -11.01
N ASP C 383 13.16 -9.02 -11.74
CA ASP C 383 12.31 -8.00 -12.27
C ASP C 383 11.18 -7.79 -11.29
N TYR C 384 11.23 -6.69 -10.56
CA TYR C 384 10.27 -6.48 -9.51
C TYR C 384 9.12 -5.63 -10.01
N SER C 385 9.18 -5.24 -11.27
CA SER C 385 8.17 -4.35 -11.82
C SER C 385 6.86 -5.09 -11.97
N VAL C 386 6.90 -6.40 -11.85
CA VAL C 386 5.69 -7.19 -11.98
C VAL C 386 5.01 -7.33 -10.63
N LEU C 387 5.69 -6.88 -9.56
CA LEU C 387 5.11 -6.98 -8.24
C LEU C 387 4.64 -5.64 -7.71
N TYR C 388 5.37 -4.56 -7.98
CA TYR C 388 4.97 -3.28 -7.41
C TYR C 388 4.13 -2.44 -8.37
N ASN C 389 3.72 -3.03 -9.48
CA ASN C 389 2.88 -2.33 -10.44
C ASN C 389 1.60 -3.10 -10.70
N SER C 390 1.00 -3.66 -9.65
CA SER C 390 -0.24 -4.39 -9.81
C SER C 390 -1.17 -4.12 -8.64
N ALA C 391 -2.47 -4.17 -8.91
CA ALA C 391 -3.49 -3.87 -7.93
C ALA C 391 -4.07 -5.12 -7.28
N SER C 392 -3.50 -6.28 -7.61
CA SER C 392 -4.02 -7.54 -7.12
C SER C 392 -3.67 -7.79 -5.66
N PHE C 393 -2.74 -7.03 -5.13
CA PHE C 393 -2.31 -7.22 -3.75
C PHE C 393 -3.03 -6.27 -2.83
N SER C 394 -3.40 -6.76 -1.65
CA SER C 394 -4.05 -5.91 -0.67
C SER C 394 -3.02 -5.26 0.22
N THR C 395 -1.93 -5.98 0.41
CA THR C 395 -0.84 -5.54 1.25
C THR C 395 0.43 -5.49 0.45
N PHE C 396 1.15 -4.39 0.58
CA PHE C 396 2.44 -4.25 -0.07
C PHE C 396 3.25 -3.25 0.70
N LYS C 397 4.10 -3.74 1.58
CA LYS C 397 4.87 -2.85 2.42
C LYS C 397 6.30 -3.36 2.55
N CYS C 398 7.27 -2.49 2.30
CA CYS C 398 8.70 -2.83 2.36
C CYS C 398 9.37 -2.12 3.50
N TYR C 399 10.36 -2.76 4.06
CA TYR C 399 11.12 -2.25 5.17
C TYR C 399 12.58 -2.21 4.80
N GLY C 400 13.29 -1.20 5.25
CA GLY C 400 14.71 -1.11 4.98
C GLY C 400 14.97 -0.50 3.59
N VAL C 401 14.45 -1.15 2.56
CA VAL C 401 14.65 -0.67 1.20
C VAL C 401 13.34 -0.24 0.52
N SER C 402 13.38 0.95 -0.07
CA SER C 402 12.25 1.50 -0.82
C SER C 402 11.96 0.70 -2.10
N PRO C 403 10.69 0.51 -2.48
CA PRO C 403 10.22 -0.08 -3.73
C PRO C 403 10.77 0.61 -4.97
N THR C 404 11.18 1.86 -4.84
CA THR C 404 11.68 2.58 -6.00
C THR C 404 13.19 2.45 -6.10
N LYS C 405 13.79 1.78 -5.12
CA LYS C 405 15.22 1.57 -5.10
C LYS C 405 15.57 0.11 -5.27
N LEU C 406 14.77 -0.79 -4.72
CA LEU C 406 15.12 -2.20 -4.79
C LEU C 406 15.15 -2.69 -6.22
N ASN C 407 14.46 -1.98 -7.10
CA ASN C 407 14.39 -2.37 -8.49
C ASN C 407 15.76 -2.41 -9.16
N ASP C 408 16.74 -1.66 -8.67
CA ASP C 408 18.05 -1.69 -9.31
C ASP C 408 19.19 -1.95 -8.32
N LEU C 409 18.88 -2.55 -7.17
CA LEU C 409 19.92 -2.90 -6.20
C LEU C 409 20.27 -4.39 -6.28
N CYS C 410 21.56 -4.71 -6.10
CA CYS C 410 22.07 -6.08 -6.16
C CYS C 410 22.22 -6.66 -4.75
N PHE C 411 21.73 -7.88 -4.59
CA PHE C 411 21.76 -8.62 -3.33
C PHE C 411 22.41 -9.98 -3.52
N THR C 412 22.84 -10.61 -2.43
CA THR C 412 23.40 -11.95 -2.57
C THR C 412 22.31 -12.97 -2.59
N ASN C 413 21.24 -12.71 -1.84
CA ASN C 413 20.13 -13.63 -1.81
C ASN C 413 18.80 -12.93 -1.67
N VAL C 414 17.79 -13.51 -2.28
CA VAL C 414 16.43 -13.12 -1.98
C VAL C 414 15.67 -14.36 -1.54
N TYR C 415 15.06 -14.31 -0.38
CA TYR C 415 14.35 -15.46 0.14
C TYR C 415 12.86 -15.26 0.04
N ALA C 416 12.19 -16.16 -0.64
CA ALA C 416 10.76 -16.06 -0.79
C ALA C 416 10.06 -16.98 0.20
N ASP C 417 9.56 -16.42 1.28
CA ASP C 417 8.90 -17.18 2.33
C ASP C 417 7.40 -17.10 2.14
N SER C 418 6.70 -18.22 2.12
CA SER C 418 5.26 -18.13 1.83
C SER C 418 4.37 -19.00 2.69
N PHE C 419 3.17 -18.47 2.96
CA PHE C 419 2.17 -19.14 3.79
C PHE C 419 0.76 -18.56 3.69
N VAL C 420 -0.23 -19.30 4.24
CA VAL C 420 -1.61 -18.80 4.31
C VAL C 420 -2.11 -18.56 5.74
N ILE C 421 -2.61 -17.35 5.96
CA ILE C 421 -3.17 -16.90 7.24
C ILE C 421 -4.50 -16.17 7.09
N ARG C 422 -5.19 -15.93 8.20
CA ARG C 422 -6.40 -15.11 8.18
C ARG C 422 -6.06 -13.66 7.85
N GLY C 423 -6.98 -12.97 7.20
CA GLY C 423 -6.78 -11.55 6.88
C GLY C 423 -6.49 -10.70 8.10
N ASP C 424 -7.14 -10.99 9.22
CA ASP C 424 -6.96 -10.21 10.43
C ASP C 424 -5.56 -10.36 11.01
N GLU C 425 -4.86 -11.41 10.62
CA GLU C 425 -3.54 -11.69 11.13
C GLU C 425 -2.45 -11.17 10.21
N VAL C 426 -2.83 -10.56 9.10
CA VAL C 426 -1.83 -10.07 8.15
C VAL C 426 -1.00 -8.97 8.79
N ARG C 427 -1.62 -8.16 9.64
CA ARG C 427 -0.91 -7.07 10.30
C ARG C 427 0.21 -7.57 11.21
N GLN C 428 0.20 -8.86 11.57
CA GLN C 428 1.23 -9.38 12.45
C GLN C 428 2.49 -9.71 11.68
N ILE C 429 2.42 -9.74 10.36
CA ILE C 429 3.61 -10.08 9.60
C ILE C 429 4.38 -8.81 9.36
N ALA C 430 5.10 -8.40 10.38
CA ALA C 430 5.85 -7.15 10.36
C ALA C 430 6.89 -7.18 11.46
N PRO C 431 8.00 -6.46 11.30
CA PRO C 431 9.00 -6.30 12.31
C PRO C 431 8.40 -5.56 13.47
N GLY C 432 8.72 -6.01 14.67
CA GLY C 432 8.25 -5.34 15.88
C GLY C 432 6.88 -5.84 16.34
N GLN C 433 6.23 -6.71 15.57
CA GLN C 433 4.91 -7.20 15.96
C GLN C 433 4.91 -8.39 16.89
N THR C 434 3.78 -8.54 17.57
CA THR C 434 3.50 -9.65 18.47
C THR C 434 2.13 -10.23 18.18
N GLY C 435 1.87 -11.41 18.72
CA GLY C 435 0.57 -12.05 18.52
C GLY C 435 0.71 -13.53 18.21
N LYS C 436 -0.39 -14.23 18.00
CA LYS C 436 -0.28 -15.66 17.81
C LYS C 436 0.58 -16.02 16.62
N ILE C 437 0.52 -15.23 15.57
CA ILE C 437 1.30 -15.59 14.41
C ILE C 437 2.70 -15.05 14.56
N ALA C 438 2.81 -13.80 14.92
CA ALA C 438 4.13 -13.20 15.06
C ALA C 438 4.99 -13.96 16.07
N ASP C 439 4.40 -14.49 17.14
CA ASP C 439 5.18 -15.16 18.16
C ASP C 439 5.35 -16.67 18.00
N TYR C 440 4.33 -17.38 17.49
CA TYR C 440 4.44 -18.83 17.44
C TYR C 440 4.61 -19.43 16.05
N ASN C 441 4.34 -18.66 15.00
CA ASN C 441 4.37 -19.25 13.67
C ASN C 441 5.43 -18.68 12.75
N TYR C 442 5.51 -17.36 12.69
CA TYR C 442 6.44 -16.72 11.78
C TYR C 442 6.86 -15.37 12.29
N LYS C 443 8.07 -15.32 12.82
CA LYS C 443 8.58 -14.10 13.44
C LYS C 443 9.53 -13.35 12.55
N LEU C 444 9.26 -12.06 12.32
CA LEU C 444 10.21 -11.24 11.57
C LEU C 444 11.00 -10.40 12.56
N PRO C 445 12.31 -10.23 12.33
CA PRO C 445 13.24 -9.50 13.17
C PRO C 445 12.95 -8.02 13.11
N ASP C 446 13.30 -7.30 14.17
CA ASP C 446 13.07 -5.87 14.24
C ASP C 446 13.78 -5.09 13.13
N ASP C 447 14.91 -5.61 12.65
CA ASP C 447 15.68 -4.97 11.61
C ASP C 447 15.44 -5.61 10.24
N PHE C 448 14.28 -6.25 10.08
CA PHE C 448 13.93 -6.89 8.83
C PHE C 448 14.04 -5.99 7.63
N THR C 449 14.67 -6.51 6.60
CA THR C 449 14.79 -5.83 5.33
C THR C 449 14.12 -6.68 4.29
N GLY C 450 13.18 -6.09 3.57
CA GLY C 450 12.45 -6.84 2.58
C GLY C 450 11.02 -6.37 2.45
N CYS C 451 10.20 -7.14 1.73
CA CYS C 451 8.82 -6.75 1.43
C CYS C 451 7.82 -7.80 1.81
N VAL C 452 6.73 -7.36 2.41
CA VAL C 452 5.63 -8.23 2.75
C VAL C 452 4.48 -7.97 1.80
N ILE C 453 4.14 -8.98 1.03
CA ILE C 453 3.12 -8.88 0.02
C ILE C 453 2.01 -9.87 0.28
N ALA C 454 0.77 -9.42 0.27
CA ALA C 454 -0.31 -10.36 0.54
C ALA C 454 -1.56 -10.02 -0.23
N TRP C 455 -2.34 -11.05 -0.53
CA TRP C 455 -3.59 -10.85 -1.23
C TRP C 455 -4.68 -11.79 -0.83
N ASN C 456 -5.91 -11.34 -1.04
CA ASN C 456 -7.08 -12.13 -0.74
C ASN C 456 -7.16 -13.33 -1.65
N SER C 457 -7.33 -14.50 -1.07
CA SER C 457 -7.41 -15.73 -1.84
C SER C 457 -8.65 -16.50 -1.44
N ASN C 458 -9.73 -15.78 -1.18
CA ASN C 458 -10.99 -16.38 -0.77
C ASN C 458 -11.59 -17.26 -1.86
N ASN C 459 -11.21 -17.00 -3.09
CA ASN C 459 -11.73 -17.78 -4.19
C ASN C 459 -10.84 -18.97 -4.52
N LEU C 460 -9.80 -19.20 -3.73
CA LEU C 460 -8.88 -20.29 -3.99
C LEU C 460 -8.75 -21.25 -2.82
N ASP C 461 -8.59 -20.69 -1.63
CA ASP C 461 -8.23 -21.46 -0.44
C ASP C 461 -9.35 -21.74 0.54
N SER C 462 -10.60 -21.60 0.14
CA SER C 462 -11.68 -21.87 1.09
C SER C 462 -12.76 -22.72 0.45
N LYS C 463 -13.50 -23.42 1.29
CA LYS C 463 -14.56 -24.28 0.78
C LYS C 463 -15.82 -24.20 1.64
N VAL C 464 -16.97 -24.43 1.03
CA VAL C 464 -18.23 -24.37 1.75
C VAL C 464 -18.25 -25.37 2.89
N GLY C 465 -17.71 -26.54 2.66
CA GLY C 465 -17.71 -27.58 3.69
C GLY C 465 -16.65 -27.31 4.76
N GLY C 466 -15.79 -26.32 4.53
CA GLY C 466 -14.74 -25.96 5.45
C GLY C 466 -13.38 -26.49 5.02
N ASN C 467 -12.47 -25.57 4.70
CA ASN C 467 -11.13 -25.98 4.35
C ASN C 467 -10.28 -25.94 5.59
N TYR C 468 -9.96 -27.12 6.11
CA TYR C 468 -9.24 -27.24 7.36
C TYR C 468 -7.82 -27.69 7.13
N ASN C 469 -7.37 -27.57 5.89
CA ASN C 469 -6.04 -28.02 5.55
C ASN C 469 -4.98 -26.97 5.80
N TYR C 470 -5.39 -25.81 6.31
CA TYR C 470 -4.45 -24.77 6.66
C TYR C 470 -4.34 -24.65 8.16
N LEU C 471 -3.16 -24.93 8.68
CA LEU C 471 -2.94 -24.99 10.11
C LEU C 471 -2.04 -23.87 10.63
N TYR C 472 -2.23 -23.53 11.89
CA TYR C 472 -1.35 -22.60 12.56
C TYR C 472 -1.03 -23.14 13.94
N ARG C 473 0.09 -22.72 14.48
CA ARG C 473 0.45 -23.12 15.81
C ARG C 473 -0.31 -22.28 16.79
N LEU C 474 -1.01 -22.95 17.68
CA LEU C 474 -1.83 -22.31 18.67
C LEU C 474 -1.08 -22.22 19.99
N PHE C 475 -0.27 -23.23 20.28
CA PHE C 475 0.48 -23.21 21.52
C PHE C 475 1.95 -23.48 21.34
N ARG C 476 2.76 -22.85 22.18
CA ARG C 476 4.18 -23.12 22.25
C ARG C 476 4.68 -22.71 23.63
N LYS C 477 5.74 -23.33 24.12
CA LYS C 477 6.27 -22.97 25.42
C LYS C 477 6.84 -21.55 25.45
N SER C 478 7.41 -21.10 24.35
CA SER C 478 8.02 -19.78 24.25
C SER C 478 7.90 -19.28 22.83
N ASN C 479 8.31 -18.05 22.59
CA ASN C 479 8.16 -17.49 21.26
C ASN C 479 9.28 -17.96 20.36
N LEU C 480 9.21 -17.58 19.08
CA LEU C 480 10.21 -17.97 18.09
C LEU C 480 11.35 -16.98 17.92
N LYS C 481 12.48 -17.51 17.51
CA LYS C 481 13.61 -16.71 17.07
C LYS C 481 13.23 -16.21 15.67
N PRO C 482 13.64 -15.04 15.22
CA PRO C 482 13.35 -14.53 13.91
C PRO C 482 13.70 -15.54 12.84
N PHE C 483 12.75 -15.75 11.93
CA PHE C 483 12.84 -16.70 10.83
C PHE C 483 13.03 -18.14 11.25
N GLU C 484 12.62 -18.50 12.46
CA GLU C 484 12.73 -19.89 12.82
C GLU C 484 11.54 -20.63 12.24
N ARG C 485 11.53 -21.94 12.42
CA ARG C 485 10.43 -22.77 11.99
C ARG C 485 10.26 -23.89 13.00
N ASP C 486 9.03 -24.14 13.41
CA ASP C 486 8.78 -25.22 14.34
C ASP C 486 7.60 -26.03 13.88
N ILE C 487 7.87 -27.24 13.44
CA ILE C 487 6.85 -28.09 12.86
C ILE C 487 6.64 -29.34 13.67
N SER C 488 7.05 -29.31 14.94
CA SER C 488 6.84 -30.45 15.80
C SER C 488 5.37 -30.52 16.17
N THR C 489 4.90 -31.71 16.54
CA THR C 489 3.52 -31.86 16.98
C THR C 489 3.44 -32.38 18.40
N GLU C 490 4.51 -32.21 19.15
CA GLU C 490 4.57 -32.65 20.52
C GLU C 490 3.42 -32.03 21.29
N ILE C 491 2.71 -32.85 22.06
CA ILE C 491 1.56 -32.32 22.77
C ILE C 491 2.01 -31.25 23.74
N TYR C 492 1.34 -30.10 23.67
CA TYR C 492 1.67 -28.96 24.49
C TYR C 492 1.04 -29.04 25.84
N GLN C 493 1.83 -28.86 26.87
CA GLN C 493 1.33 -28.89 28.22
C GLN C 493 1.11 -27.47 28.70
N ALA C 494 -0.15 -27.11 28.92
CA ALA C 494 -0.49 -25.75 29.31
C ALA C 494 -0.44 -25.59 30.81
N GLY C 495 -0.77 -26.67 31.51
CA GLY C 495 -0.84 -26.65 32.97
C GLY C 495 0.34 -27.36 33.60
N SER C 496 0.12 -27.91 34.78
CA SER C 496 1.16 -28.58 35.54
C SER C 496 1.03 -30.11 35.45
N THR C 497 -0.01 -30.57 34.77
CA THR C 497 -0.28 -32.00 34.66
C THR C 497 0.42 -32.60 33.45
N PRO C 498 1.27 -33.61 33.64
CA PRO C 498 1.99 -34.30 32.58
C PRO C 498 1.01 -34.80 31.54
N CYS C 499 1.36 -34.58 30.26
CA CYS C 499 0.50 -34.97 29.14
C CYS C 499 0.74 -36.44 28.75
N ASN C 500 1.93 -36.93 29.00
CA ASN C 500 2.23 -38.32 28.68
C ASN C 500 1.93 -38.65 27.22
N GLY C 501 2.18 -37.70 26.34
CA GLY C 501 2.01 -37.92 24.91
C GLY C 501 0.58 -37.74 24.39
N VAL C 502 -0.37 -37.44 25.27
CA VAL C 502 -1.75 -37.34 24.81
C VAL C 502 -2.46 -36.05 25.23
N PHE C 505 -6.96 -32.40 29.82
CA PHE C 505 -7.11 -31.09 30.40
C PHE C 505 -5.78 -30.36 30.41
N ASN C 506 -5.79 -29.18 29.83
CA ASN C 506 -4.58 -28.39 29.69
C ASN C 506 -3.41 -29.12 29.01
N CYS C 507 -3.72 -29.96 28.00
CA CYS C 507 -2.79 -30.67 27.12
C CYS C 507 -3.40 -30.59 25.73
N TYR C 508 -2.65 -30.03 24.78
CA TYR C 508 -3.26 -29.81 23.48
C TYR C 508 -2.42 -30.23 22.30
N PHE C 509 -3.08 -30.68 21.25
CA PHE C 509 -2.37 -30.82 20.00
C PHE C 509 -2.04 -29.37 19.66
N PRO C 510 -0.78 -29.03 19.45
CA PRO C 510 -0.29 -27.67 19.34
C PRO C 510 -0.79 -26.93 18.13
N LEU C 511 -1.28 -27.65 17.13
CA LEU C 511 -1.76 -27.02 15.91
C LEU C 511 -3.28 -26.96 15.89
N GLN C 512 -3.80 -25.98 15.18
CA GLN C 512 -5.23 -25.82 15.00
C GLN C 512 -5.52 -25.39 13.59
N SER C 513 -6.69 -25.74 13.10
CA SER C 513 -7.04 -25.36 11.74
C SER C 513 -7.79 -24.06 11.67
N TYR C 514 -7.68 -23.43 10.52
CA TYR C 514 -8.50 -22.28 10.23
C TYR C 514 -9.74 -22.76 9.50
N GLY C 515 -10.91 -22.42 9.98
CA GLY C 515 -12.12 -22.83 9.29
C GLY C 515 -12.38 -21.90 8.12
N PHE C 516 -11.65 -22.09 7.03
CA PHE C 516 -11.80 -21.16 5.92
C PHE C 516 -13.00 -21.54 5.05
N GLN C 517 -13.92 -20.58 4.94
CA GLN C 517 -15.15 -20.75 4.18
C GLN C 517 -15.37 -19.49 3.33
N PRO C 518 -15.99 -19.61 2.16
CA PRO C 518 -16.25 -18.55 1.22
C PRO C 518 -17.18 -17.47 1.75
N THR C 519 -17.94 -17.79 2.80
CA THR C 519 -18.92 -16.86 3.36
C THR C 519 -18.38 -16.09 4.56
N ASN C 520 -17.12 -16.34 4.91
CA ASN C 520 -16.53 -15.64 6.03
C ASN C 520 -16.38 -14.17 5.68
N GLY C 521 -16.40 -13.30 6.69
CA GLY C 521 -16.17 -11.88 6.45
C GLY C 521 -14.70 -11.71 6.12
N VAL C 522 -14.30 -10.53 5.67
CA VAL C 522 -12.94 -10.35 5.18
C VAL C 522 -11.84 -10.68 6.18
N GLY C 523 -12.01 -10.32 7.44
CA GLY C 523 -10.98 -10.59 8.42
C GLY C 523 -10.78 -12.09 8.64
N TYR C 524 -11.76 -12.88 8.20
CA TYR C 524 -11.72 -14.32 8.35
C TYR C 524 -11.50 -15.04 7.02
N GLN C 525 -11.22 -14.29 5.96
CA GLN C 525 -10.92 -14.89 4.68
C GLN C 525 -9.44 -15.19 4.65
N PRO C 526 -9.00 -16.20 3.90
CA PRO C 526 -7.61 -16.56 3.76
C PRO C 526 -6.86 -15.54 2.93
N TYR C 527 -5.63 -15.29 3.31
CA TYR C 527 -4.71 -14.47 2.57
C TYR C 527 -3.42 -15.19 2.30
N ARG C 528 -2.96 -15.06 1.07
CA ARG C 528 -1.69 -15.65 0.69
C ARG C 528 -0.63 -14.63 0.91
N VAL C 529 0.37 -14.99 1.69
CA VAL C 529 1.41 -14.07 2.05
C VAL C 529 2.75 -14.51 1.54
N VAL C 530 3.44 -13.61 0.87
CA VAL C 530 4.80 -13.85 0.42
C VAL C 530 5.70 -12.79 1.00
N VAL C 531 6.72 -13.22 1.70
CA VAL C 531 7.67 -12.28 2.28
C VAL C 531 8.99 -12.43 1.59
N LEU C 532 9.45 -11.36 0.98
CA LEU C 532 10.73 -11.41 0.31
C LEU C 532 11.77 -10.81 1.22
N SER C 533 12.62 -11.66 1.77
CA SER C 533 13.67 -11.22 2.67
C SER C 533 14.95 -11.02 1.88
N PHE C 534 15.54 -9.87 2.02
CA PHE C 534 16.72 -9.55 1.25
C PHE C 534 17.95 -9.51 2.13
N GLU C 535 19.08 -9.93 1.58
CA GLU C 535 20.31 -9.75 2.31
C GLU C 535 21.50 -9.49 1.41
N LEU C 536 22.46 -8.77 1.97
CA LEU C 536 23.74 -8.53 1.33
C LEU C 536 24.84 -9.03 2.25
N LEU C 537 25.61 -9.97 1.74
CA LEU C 537 26.68 -10.60 2.48
C LEU C 537 28.01 -10.14 1.95
N HIS C 538 29.10 -10.62 2.54
CA HIS C 538 30.43 -10.31 2.05
C HIS C 538 30.68 -11.01 0.72
N ALA C 539 29.82 -11.98 0.43
CA ALA C 539 29.82 -12.72 -0.82
C ALA C 539 29.41 -11.75 -1.94
N PRO C 540 29.84 -11.97 -3.18
CA PRO C 540 29.47 -11.16 -4.32
C PRO C 540 27.98 -11.28 -4.56
N ALA C 541 27.34 -10.17 -4.93
CA ALA C 541 25.91 -10.17 -5.19
C ALA C 541 25.60 -10.99 -6.43
N THR C 542 24.47 -11.69 -6.40
CA THR C 542 24.08 -12.49 -7.54
C THR C 542 22.71 -12.13 -8.11
N VAL C 543 21.90 -11.40 -7.34
CA VAL C 543 20.57 -11.06 -7.82
C VAL C 543 20.46 -9.57 -8.03
N CYS C 544 20.49 -9.14 -9.30
CA CYS C 544 20.43 -7.74 -9.69
C CYS C 544 19.16 -7.50 -10.46
N GLY C 545 18.67 -6.29 -10.42
CA GLY C 545 17.51 -5.96 -11.22
C GLY C 545 17.98 -5.65 -12.65
N PRO C 546 17.08 -5.26 -13.59
CA PRO C 546 17.38 -4.91 -14.98
C PRO C 546 18.49 -3.87 -15.09
#